data_5JQ9
#
_entry.id   5JQ9
#
_cell.length_a   70.687
_cell.length_b   49.897
_cell.length_c   74.279
_cell.angle_alpha   90.00
_cell.angle_beta   89.78
_cell.angle_gamma   90.00
#
_symmetry.space_group_name_H-M   'P 1 21 1'
#
loop_
_entity.id
_entity.type
_entity.pdbx_description
1 polymer 'Dihydropteroate synthase'
2 non-polymer 4-{[(2-amino-4-oxo-3,4-dihydropteridin-6-yl)methyl]amino}-N-(3,4-dimethyl-1,2-oxazol-5-yl)benzene-1-sulfonamide
3 non-polymer 1,2-ETHANEDIOL
4 water water
#
_entity_poly.entity_id   1
_entity_poly.type   'polypeptide(L)'
_entity_poly.pdbx_seq_one_letter_code
;GSMHLTARGLTLDLSRPQVMGILNVTPDSFSDGGCHNNLDQALQHAQRMLSAGATLIDIGGESTRPGAAEVSEQEELDRV
VPVVEALAQRFDVWLSVDTSKAAVITESAHAGAHLINDIRSLQEPGALEAAAKTGLPVCLMHMQGQPKNMQHSPYYDDLM
TDINRFFQHHIERCVAAGIAKNKLLLDPGFGFGKNLAHNYQLLAHLSELHHFELPLLVGMSRKSMVGQLLNVPPQQRVIG
SVACAVIAAMQGAQIIRVHDVKETVEAMCIVEATRSAKG
;
_entity_poly.pdbx_strand_id   A,B
#
loop_
_chem_comp.id
_chem_comp.type
_chem_comp.name
_chem_comp.formula
6MB non-polymer 4-{[(2-amino-4-oxo-3,4-dihydropteridin-6-yl)methyl]amino}-N-(3,4-dimethyl-1,2-oxazol-5-yl)benzene-1-sulfonamide 'C18 H18 N8 O4 S'
EDO non-polymer 1,2-ETHANEDIOL 'C2 H6 O2'
#
# COMPACT_ATOMS: atom_id res chain seq x y z
N MET A 3 17.12 -17.46 2.68
CA MET A 3 18.52 -17.10 2.85
C MET A 3 18.65 -15.74 3.53
N HIS A 4 19.88 -15.26 3.65
CA HIS A 4 20.17 -13.98 4.29
C HIS A 4 21.28 -13.24 3.55
N LEU A 5 21.46 -11.97 3.90
CA LEU A 5 22.57 -11.19 3.37
C LEU A 5 23.51 -10.93 4.53
N THR A 6 24.82 -11.00 4.27
CA THR A 6 25.79 -10.99 5.35
C THR A 6 26.90 -9.96 5.26
N ALA A 7 27.21 -9.35 6.39
CA ALA A 7 28.37 -8.47 6.51
C ALA A 7 28.83 -8.39 7.97
N ARG A 8 30.11 -8.66 8.19
CA ARG A 8 30.72 -8.57 9.51
C ARG A 8 29.99 -9.34 10.61
N GLY A 9 29.52 -10.54 10.31
CA GLY A 9 28.82 -11.35 11.28
C GLY A 9 27.36 -10.98 11.50
N LEU A 10 26.89 -9.98 10.76
CA LEU A 10 25.48 -9.59 10.85
C LEU A 10 24.70 -10.21 9.70
N THR A 11 23.46 -10.61 9.97
CA THR A 11 22.62 -11.24 8.96
C THR A 11 21.32 -10.48 8.75
N LEU A 12 20.91 -10.34 7.50
CA LEU A 12 19.65 -9.69 7.18
C LEU A 12 18.67 -10.72 6.60
N ASP A 13 17.61 -10.99 7.35
CA ASP A 13 16.61 -11.98 6.92
C ASP A 13 15.88 -11.48 5.68
N LEU A 14 15.86 -12.31 4.64
CA LEU A 14 15.24 -11.90 3.38
C LEU A 14 13.93 -12.62 3.14
N SER A 15 13.44 -13.33 4.16
CA SER A 15 12.11 -13.92 4.11
C SER A 15 11.07 -12.83 4.37
N ARG A 16 11.53 -11.76 5.03
CA ARG A 16 10.67 -10.62 5.35
C ARG A 16 11.18 -9.36 4.69
N PRO A 17 10.27 -8.41 4.41
CA PRO A 17 10.67 -7.11 3.87
C PRO A 17 11.47 -6.31 4.89
N GLN A 18 12.59 -5.74 4.48
CA GLN A 18 13.43 -4.97 5.39
C GLN A 18 13.34 -3.48 5.06
N VAL A 19 13.18 -2.66 6.09
CA VAL A 19 13.06 -1.22 5.89
C VAL A 19 14.37 -0.50 6.14
N MET A 20 14.82 0.23 5.13
CA MET A 20 16.04 1.02 5.23
C MET A 20 15.68 2.50 5.46
N GLY A 21 15.99 2.99 6.65
CA GLY A 21 15.70 4.38 6.98
C GLY A 21 16.68 5.32 6.34
N ILE A 22 16.18 6.44 5.82
CA ILE A 22 17.04 7.41 5.17
C ILE A 22 17.59 8.40 6.18
N LEU A 23 18.92 8.52 6.20
CA LEU A 23 19.60 9.44 7.09
C LEU A 23 20.49 10.37 6.29
N ASN A 24 19.90 11.44 5.77
CA ASN A 24 20.68 12.44 5.04
C ASN A 24 21.47 13.30 6.01
N VAL A 25 22.73 13.54 5.68
CA VAL A 25 23.60 14.36 6.51
C VAL A 25 24.15 15.48 5.65
N THR A 26 23.37 16.56 5.56
CA THR A 26 23.71 17.73 4.75
C THR A 26 23.14 18.96 5.44
N PRO A 27 23.47 20.18 4.94
CA PRO A 27 22.79 21.35 5.51
C PRO A 27 21.27 21.31 5.29
N ASN A 38 24.71 18.84 12.19
CA ASN A 38 24.89 18.48 13.59
C ASN A 38 24.81 16.97 13.79
N LEU A 39 25.88 16.41 14.34
CA LEU A 39 25.96 14.96 14.61
C LEU A 39 24.89 14.51 15.61
N ASP A 40 24.59 15.38 16.57
CA ASP A 40 23.63 15.05 17.62
C ASP A 40 22.23 14.78 17.06
N GLN A 41 21.81 15.61 16.11
CA GLN A 41 20.52 15.45 15.46
C GLN A 41 20.45 14.16 14.65
N ALA A 42 21.56 13.84 13.98
CA ALA A 42 21.63 12.64 13.15
C ALA A 42 21.44 11.37 13.98
N LEU A 43 22.10 11.33 15.13
CA LEU A 43 22.01 10.18 16.03
C LEU A 43 20.60 10.01 16.58
N GLN A 44 19.94 11.13 16.87
CA GLN A 44 18.58 11.09 17.39
C GLN A 44 17.61 10.62 16.31
N HIS A 45 17.80 11.09 15.09
CA HIS A 45 16.95 10.68 13.98
C HIS A 45 17.15 9.20 13.65
N ALA A 46 18.41 8.76 13.62
CA ALA A 46 18.74 7.37 13.35
C ALA A 46 18.17 6.43 14.40
N GLN A 47 18.32 6.82 15.66
CA GLN A 47 17.78 6.04 16.77
C GLN A 47 16.26 5.98 16.69
N ARG A 48 15.65 7.10 16.33
CA ARG A 48 14.20 7.18 16.16
C ARG A 48 13.73 6.25 15.05
N MET A 49 14.45 6.23 13.92
CA MET A 49 14.14 5.34 12.81
C MET A 49 14.36 3.91 13.27
N LEU A 50 15.42 3.71 14.04
CA LEU A 50 15.76 2.41 14.60
C LEU A 50 14.63 1.92 15.50
N SER A 51 14.10 2.84 16.30
CA SER A 51 12.97 2.56 17.17
C SER A 51 11.71 2.24 16.37
N ALA A 52 11.57 2.89 15.22
CA ALA A 52 10.44 2.67 14.35
C ALA A 52 10.48 1.30 13.68
N GLY A 53 11.65 0.66 13.70
CA GLY A 53 11.77 -0.69 13.17
C GLY A 53 12.67 -0.85 11.96
N ALA A 54 13.42 0.19 11.62
CA ALA A 54 14.38 0.09 10.53
C ALA A 54 15.49 -0.89 10.89
N THR A 55 15.89 -1.71 9.92
CA THR A 55 17.00 -2.65 10.13
C THR A 55 18.23 -2.23 9.34
N LEU A 56 18.11 -1.12 8.61
CA LEU A 56 19.24 -0.52 7.91
C LEU A 56 19.15 1.00 7.96
N ILE A 57 20.30 1.65 8.09
CA ILE A 57 20.36 3.11 8.04
C ILE A 57 21.25 3.53 6.87
N ASP A 58 20.71 4.33 5.95
CA ASP A 58 21.47 4.75 4.78
C ASP A 58 21.94 6.17 4.98
N ILE A 59 23.26 6.35 5.00
CA ILE A 59 23.87 7.65 5.26
C ILE A 59 24.40 8.28 3.99
N GLY A 60 23.88 9.47 3.66
CA GLY A 60 24.27 10.13 2.43
C GLY A 60 24.81 11.53 2.64
N GLY A 61 25.98 11.78 2.05
CA GLY A 61 26.64 13.07 2.13
C GLY A 61 26.51 13.84 0.84
N GLU A 62 25.81 13.24 -0.12
CA GLU A 62 25.60 13.84 -1.43
C GLU A 62 24.13 13.79 -1.82
N SER A 63 23.69 14.77 -2.59
CA SER A 63 22.28 14.84 -3.00
C SER A 63 22.14 14.37 -4.44
N THR A 64 21.43 13.26 -4.61
CA THR A 64 21.22 12.67 -5.93
C THR A 64 20.03 13.27 -6.68
N ARG A 65 19.31 14.16 -6.01
CA ARG A 65 18.14 14.79 -6.61
C ARG A 65 18.49 15.62 -7.83
N ALA A 68 21.63 19.13 -8.99
CA ALA A 68 22.12 19.31 -7.63
C ALA A 68 23.61 19.63 -7.61
N ALA A 69 24.03 20.43 -6.65
CA ALA A 69 25.42 20.85 -6.55
C ALA A 69 26.33 19.69 -6.14
N GLU A 70 27.52 19.64 -6.73
CA GLU A 70 28.50 18.60 -6.43
C GLU A 70 29.07 18.74 -5.03
N VAL A 71 29.73 17.69 -4.56
CA VAL A 71 30.35 17.70 -3.24
C VAL A 71 31.81 17.25 -3.31
N SER A 72 32.66 17.89 -2.54
CA SER A 72 34.08 17.57 -2.48
C SER A 72 34.32 16.25 -1.73
N GLU A 73 35.42 15.58 -2.05
CA GLU A 73 35.75 14.30 -1.43
C GLU A 73 35.88 14.42 0.08
N GLN A 74 36.62 15.44 0.53
CA GLN A 74 36.82 15.67 1.95
C GLN A 74 35.52 16.10 2.63
N GLU A 75 34.73 16.91 1.92
CA GLU A 75 33.46 17.39 2.44
C GLU A 75 32.46 16.25 2.69
N GLU A 76 32.34 15.36 1.71
CA GLU A 76 31.46 14.20 1.84
C GLU A 76 31.97 13.28 2.94
N LEU A 77 33.29 13.13 3.00
CA LEU A 77 33.91 12.33 4.05
C LEU A 77 33.62 12.91 5.43
N ASP A 78 33.68 14.23 5.54
CA ASP A 78 33.44 14.92 6.80
C ASP A 78 32.01 14.70 7.30
N ARG A 79 31.06 14.68 6.37
CA ARG A 79 29.67 14.43 6.71
C ARG A 79 29.40 12.97 7.08
N VAL A 80 29.94 12.05 6.29
CA VAL A 80 29.59 10.64 6.40
C VAL A 80 30.27 9.86 7.53
N VAL A 81 31.60 9.84 7.55
CA VAL A 81 32.34 8.93 8.44
C VAL A 81 32.15 9.17 9.96
N PRO A 82 31.95 10.42 10.43
CA PRO A 82 31.71 10.49 11.87
C PRO A 82 30.40 9.82 12.26
N VAL A 83 29.38 10.01 11.42
CA VAL A 83 28.07 9.41 11.65
C VAL A 83 28.16 7.89 11.66
N VAL A 84 28.88 7.33 10.69
CA VAL A 84 29.07 5.88 10.60
C VAL A 84 29.75 5.35 11.85
N GLU A 85 30.82 6.03 12.25
CA GLU A 85 31.58 5.63 13.44
C GLU A 85 30.71 5.72 14.68
N ALA A 86 29.95 6.80 14.78
CA ALA A 86 29.07 7.03 15.92
C ALA A 86 28.01 5.95 16.03
N LEU A 87 27.37 5.63 14.90
CA LEU A 87 26.32 4.61 14.87
C LEU A 87 26.86 3.20 15.14
N ALA A 88 28.03 2.90 14.59
CA ALA A 88 28.63 1.58 14.72
C ALA A 88 28.86 1.16 16.17
N GLN A 89 29.34 2.08 16.99
CA GLN A 89 29.54 1.83 18.41
C GLN A 89 28.22 1.73 19.15
N ARG A 90 27.36 2.70 18.87
CA ARG A 90 26.10 2.87 19.60
C ARG A 90 25.05 1.80 19.29
N PHE A 91 24.91 1.43 18.02
CA PHE A 91 23.80 0.56 17.63
C PHE A 91 24.22 -0.69 16.85
N ASP A 92 23.49 -1.78 17.08
CA ASP A 92 23.63 -3.01 16.30
C ASP A 92 22.67 -2.97 15.11
N VAL A 93 23.01 -2.18 14.10
CA VAL A 93 22.20 -2.11 12.90
C VAL A 93 23.07 -2.07 11.65
N TRP A 94 22.53 -2.58 10.54
CA TRP A 94 23.22 -2.50 9.27
C TRP A 94 23.44 -1.03 8.91
N LEU A 95 24.68 -0.69 8.60
CA LEU A 95 25.00 0.68 8.24
C LEU A 95 25.34 0.74 6.76
N SER A 96 24.60 1.58 6.04
CA SER A 96 24.77 1.69 4.60
C SER A 96 25.19 3.10 4.25
N VAL A 97 26.19 3.21 3.38
CA VAL A 97 26.68 4.52 2.98
C VAL A 97 26.31 4.81 1.53
N ASP A 98 25.60 5.91 1.32
CA ASP A 98 25.15 6.30 0.00
C ASP A 98 26.22 7.17 -0.65
N THR A 99 27.23 6.52 -1.23
CA THR A 99 28.36 7.24 -1.80
C THR A 99 28.79 6.72 -3.15
N SER A 100 29.44 7.58 -3.93
CA SER A 100 30.00 7.20 -5.21
C SER A 100 31.50 7.43 -5.26
N LYS A 101 32.10 7.61 -4.09
CA LYS A 101 33.52 7.96 -4.03
C LYS A 101 34.34 6.87 -3.35
N ALA A 102 35.41 6.44 -4.01
CA ALA A 102 36.28 5.38 -3.51
C ALA A 102 36.85 5.72 -2.14
N ALA A 103 37.21 6.99 -1.95
CA ALA A 103 37.72 7.47 -0.68
C ALA A 103 36.67 7.31 0.42
N VAL A 104 35.45 7.73 0.12
CA VAL A 104 34.35 7.60 1.07
C VAL A 104 34.00 6.13 1.28
N ILE A 105 34.08 5.34 0.22
CA ILE A 105 33.85 3.90 0.32
C ILE A 105 34.83 3.24 1.27
N THR A 106 36.11 3.52 1.10
CA THR A 106 37.16 2.88 1.88
C THR A 106 37.14 3.32 3.34
N GLU A 107 37.03 4.63 3.55
CA GLU A 107 37.03 5.19 4.90
C GLU A 107 35.81 4.75 5.72
N SER A 108 34.65 4.70 5.06
CA SER A 108 33.42 4.27 5.73
C SER A 108 33.49 2.81 6.15
N ALA A 109 34.15 2.00 5.32
CA ALA A 109 34.38 0.59 5.64
C ALA A 109 35.21 0.46 6.91
N HIS A 110 36.21 1.33 7.04
CA HIS A 110 37.04 1.39 8.23
C HIS A 110 36.19 1.76 9.45
N ALA A 111 35.23 2.66 9.23
CA ALA A 111 34.37 3.13 10.30
C ALA A 111 33.38 2.06 10.78
N GLY A 112 33.20 1.03 9.97
CA GLY A 112 32.31 -0.07 10.35
C GLY A 112 31.04 -0.19 9.53
N ALA A 113 30.98 0.50 8.39
CA ALA A 113 29.83 0.40 7.50
C ALA A 113 29.64 -1.04 7.02
N HIS A 114 28.38 -1.45 6.87
CA HIS A 114 28.08 -2.82 6.43
C HIS A 114 27.80 -2.93 4.94
N LEU A 115 27.21 -1.90 4.35
CA LEU A 115 26.76 -1.99 2.96
C LEU A 115 27.13 -0.74 2.16
N ILE A 116 27.52 -0.95 0.92
CA ILE A 116 27.85 0.15 0.02
C ILE A 116 26.72 0.38 -0.97
N ASN A 117 26.09 1.54 -0.88
CA ASN A 117 24.98 1.87 -1.76
C ASN A 117 25.39 2.95 -2.73
N ASP A 118 25.63 2.55 -3.98
CA ASP A 118 26.11 3.49 -4.97
C ASP A 118 25.13 3.57 -6.15
N ILE A 119 24.58 4.77 -6.34
CA ILE A 119 23.65 5.03 -7.43
C ILE A 119 24.36 4.98 -8.77
N ARG A 120 25.67 5.23 -8.75
CA ARG A 120 26.46 5.25 -9.97
C ARG A 120 27.12 3.90 -10.28
N SER A 121 26.80 2.89 -9.47
CA SER A 121 27.24 1.51 -9.71
C SER A 121 28.76 1.37 -9.82
N LEU A 122 29.49 2.04 -8.94
CA LEU A 122 30.95 1.92 -8.86
C LEU A 122 31.65 2.30 -10.16
N GLN A 123 31.11 3.29 -10.86
CA GLN A 123 31.69 3.71 -12.13
C GLN A 123 32.64 4.90 -12.00
N GLU A 124 32.66 5.51 -10.82
CA GLU A 124 33.62 6.58 -10.53
C GLU A 124 35.02 6.00 -10.44
N PRO A 125 36.06 6.82 -10.68
CA PRO A 125 37.43 6.30 -10.69
C PRO A 125 37.85 5.67 -9.37
N GLY A 126 38.32 4.42 -9.44
CA GLY A 126 38.80 3.71 -8.27
C GLY A 126 37.70 3.15 -7.37
N ALA A 127 36.46 3.46 -7.70
CA ALA A 127 35.32 3.05 -6.87
C ALA A 127 35.17 1.53 -6.86
N LEU A 128 35.30 0.92 -8.03
CA LEU A 128 35.15 -0.53 -8.16
C LEU A 128 36.22 -1.27 -7.36
N GLU A 129 37.46 -0.81 -7.47
CA GLU A 129 38.58 -1.43 -6.76
C GLU A 129 38.46 -1.26 -5.24
N ALA A 130 38.11 -0.05 -4.82
CA ALA A 130 37.96 0.25 -3.41
C ALA A 130 36.84 -0.57 -2.77
N ALA A 131 35.71 -0.66 -3.46
CA ALA A 131 34.57 -1.43 -2.97
C ALA A 131 34.91 -2.91 -2.84
N ALA A 132 35.65 -3.42 -3.82
CA ALA A 132 36.05 -4.83 -3.84
C ALA A 132 36.93 -5.19 -2.65
N LYS A 133 37.86 -4.31 -2.32
CA LYS A 133 38.80 -4.54 -1.23
C LYS A 133 38.11 -4.63 0.13
N THR A 134 37.04 -3.86 0.31
CA THR A 134 36.29 -3.87 1.56
C THR A 134 35.62 -5.23 1.79
N GLY A 135 35.23 -5.89 0.70
CA GLY A 135 34.56 -7.18 0.79
C GLY A 135 33.11 -7.03 1.20
N LEU A 136 32.69 -5.77 1.36
CA LEU A 136 31.32 -5.46 1.77
C LEU A 136 30.35 -5.62 0.61
N PRO A 137 29.09 -5.96 0.93
CA PRO A 137 28.05 -6.02 -0.10
C PRO A 137 27.83 -4.68 -0.78
N VAL A 138 27.52 -4.71 -2.08
CA VAL A 138 27.32 -3.48 -2.83
C VAL A 138 25.99 -3.50 -3.56
N CYS A 139 25.32 -2.35 -3.60
CA CYS A 139 24.05 -2.24 -4.29
C CYS A 139 24.24 -1.43 -5.57
N LEU A 140 23.82 -2.02 -6.69
CA LEU A 140 23.94 -1.37 -7.99
C LEU A 140 22.60 -0.79 -8.41
N MET A 141 22.62 0.44 -8.90
CA MET A 141 21.38 1.12 -9.25
C MET A 141 21.35 1.52 -10.73
N HIS A 142 20.26 1.19 -11.40
CA HIS A 142 20.09 1.56 -12.80
C HIS A 142 19.93 3.08 -12.96
N MET A 143 20.48 3.61 -14.04
CA MET A 143 20.41 5.04 -14.29
C MET A 143 20.46 5.31 -15.80
N GLN A 144 19.90 6.43 -16.24
CA GLN A 144 20.02 6.85 -17.63
C GLN A 144 20.47 8.30 -17.74
N GLN A 151 19.51 18.39 -18.56
CA GLN A 151 18.07 18.22 -18.63
C GLN A 151 17.67 17.45 -19.89
N HIS A 152 17.25 16.21 -19.72
CA HIS A 152 16.86 15.36 -20.84
C HIS A 152 15.58 14.58 -20.56
N SER A 153 14.75 14.44 -21.58
CA SER A 153 13.50 13.70 -21.47
C SER A 153 13.73 12.20 -21.58
N PRO A 154 13.41 11.46 -20.51
CA PRO A 154 13.60 10.00 -20.40
C PRO A 154 12.87 9.20 -21.48
N TYR A 155 13.59 8.34 -22.20
CA TYR A 155 12.96 7.47 -23.18
C TYR A 155 13.60 6.07 -23.15
N TYR A 156 12.76 5.06 -23.37
CA TYR A 156 13.21 3.67 -23.47
C TYR A 156 12.48 2.95 -24.60
N ASP A 157 13.22 2.17 -25.39
CA ASP A 157 12.59 1.28 -26.35
C ASP A 157 11.78 0.25 -25.56
N ASP A 158 12.44 -0.38 -24.61
CA ASP A 158 11.78 -1.24 -23.63
C ASP A 158 12.49 -1.08 -22.29
N LEU A 159 11.77 -0.54 -21.32
CA LEU A 159 12.35 -0.17 -20.03
C LEU A 159 13.02 -1.34 -19.30
N MET A 160 12.32 -2.46 -19.18
CA MET A 160 12.81 -3.61 -18.45
C MET A 160 14.03 -4.23 -19.10
N THR A 161 14.02 -4.33 -20.43
CA THR A 161 15.16 -4.87 -21.17
C THR A 161 16.39 -4.00 -20.93
N ASP A 162 16.18 -2.69 -20.95
CA ASP A 162 17.26 -1.73 -20.74
C ASP A 162 17.85 -1.92 -19.34
N ILE A 163 16.97 -2.10 -18.36
CA ILE A 163 17.38 -2.30 -16.97
C ILE A 163 18.12 -3.63 -16.81
N ASN A 164 17.57 -4.68 -17.42
CA ASN A 164 18.19 -6.01 -17.38
C ASN A 164 19.58 -6.02 -17.99
N ARG A 165 19.72 -5.36 -19.14
CA ARG A 165 21.01 -5.26 -19.82
C ARG A 165 22.00 -4.49 -18.96
N PHE A 166 21.49 -3.45 -18.29
CA PHE A 166 22.33 -2.62 -17.42
C PHE A 166 22.89 -3.45 -16.25
N PHE A 167 22.00 -4.19 -15.59
CA PHE A 167 22.41 -4.99 -14.43
C PHE A 167 23.37 -6.09 -14.84
N GLN A 168 23.08 -6.75 -15.95
CA GLN A 168 23.92 -7.84 -16.45
C GLN A 168 25.34 -7.34 -16.70
N HIS A 169 25.45 -6.16 -17.30
CA HIS A 169 26.73 -5.54 -17.62
C HIS A 169 27.57 -5.27 -16.38
N HIS A 170 26.98 -4.58 -15.41
CA HIS A 170 27.70 -4.16 -14.21
C HIS A 170 27.91 -5.29 -13.19
N ILE A 171 27.05 -6.30 -13.21
CA ILE A 171 27.26 -7.48 -12.38
C ILE A 171 28.55 -8.19 -12.80
N GLU A 172 28.76 -8.26 -14.11
CA GLU A 172 29.98 -8.84 -14.67
C GLU A 172 31.20 -8.01 -14.28
N ARG A 173 31.06 -6.69 -14.31
CA ARG A 173 32.14 -5.79 -13.92
C ARG A 173 32.57 -6.05 -12.49
N CYS A 174 31.58 -6.23 -11.61
CA CYS A 174 31.84 -6.48 -10.20
C CYS A 174 32.48 -7.85 -10.00
N VAL A 175 31.93 -8.86 -10.67
CA VAL A 175 32.46 -10.23 -10.57
C VAL A 175 33.88 -10.31 -11.12
N ALA A 176 34.12 -9.63 -12.24
CA ALA A 176 35.45 -9.58 -12.82
C ALA A 176 36.43 -8.90 -11.86
N ALA A 177 35.94 -7.87 -11.20
CA ALA A 177 36.76 -7.10 -10.25
C ALA A 177 37.05 -7.89 -8.98
N GLY A 178 36.36 -9.01 -8.79
CA GLY A 178 36.56 -9.84 -7.62
C GLY A 178 35.48 -9.69 -6.57
N ILE A 179 34.41 -8.99 -6.90
CA ILE A 179 33.26 -8.90 -6.01
C ILE A 179 32.31 -10.06 -6.27
N ALA A 180 32.15 -10.91 -5.26
CA ALA A 180 31.32 -12.11 -5.38
C ALA A 180 29.88 -11.77 -5.73
N LYS A 181 29.24 -12.64 -6.51
CA LYS A 181 27.88 -12.45 -6.96
C LYS A 181 26.91 -12.29 -5.79
N ASN A 182 27.12 -13.08 -4.74
CA ASN A 182 26.25 -13.05 -3.56
C ASN A 182 26.41 -11.79 -2.71
N LYS A 183 27.35 -10.94 -3.08
CA LYS A 183 27.56 -9.67 -2.39
C LYS A 183 26.81 -8.52 -3.06
N LEU A 184 26.10 -8.81 -4.13
CA LEU A 184 25.49 -7.76 -4.93
C LEU A 184 24.00 -7.55 -4.65
N LEU A 185 23.58 -6.29 -4.72
CA LEU A 185 22.17 -5.92 -4.63
C LEU A 185 21.78 -5.09 -5.85
N LEU A 186 20.56 -5.26 -6.32
CA LEU A 186 20.11 -4.54 -7.51
C LEU A 186 18.99 -3.55 -7.20
N ASP A 187 19.15 -2.31 -7.66
CA ASP A 187 18.13 -1.30 -7.51
C ASP A 187 17.77 -0.75 -8.88
N PRO A 188 16.49 -0.88 -9.26
CA PRO A 188 16.06 -0.41 -10.57
C PRO A 188 16.01 1.12 -10.67
N GLY A 189 16.26 1.79 -9.55
CA GLY A 189 16.42 3.24 -9.56
C GLY A 189 15.21 4.06 -9.96
N PHE A 190 14.17 4.02 -9.13
CA PHE A 190 12.98 4.83 -9.38
C PHE A 190 13.32 6.33 -9.39
N GLY A 191 12.78 7.04 -10.36
CA GLY A 191 12.99 8.47 -10.47
C GLY A 191 14.32 8.88 -11.09
N PHE A 192 15.12 7.90 -11.49
CA PHE A 192 16.40 8.17 -12.12
C PHE A 192 16.33 7.93 -13.62
N GLY A 193 16.26 9.02 -14.38
CA GLY A 193 16.11 8.96 -15.82
C GLY A 193 14.86 8.20 -16.23
N LYS A 194 13.79 8.36 -15.46
CA LYS A 194 12.52 7.70 -15.73
C LYS A 194 11.37 8.67 -15.47
N ASN A 195 10.44 8.75 -16.41
CA ASN A 195 9.27 9.60 -16.22
C ASN A 195 8.21 8.90 -15.37
N LEU A 196 7.08 9.56 -15.16
CA LEU A 196 6.00 9.03 -14.33
C LEU A 196 5.50 7.68 -14.86
N ALA A 197 5.33 7.59 -16.17
CA ALA A 197 4.87 6.35 -16.79
C ALA A 197 5.89 5.23 -16.62
N HIS A 198 7.17 5.58 -16.76
CA HIS A 198 8.26 4.64 -16.63
C HIS A 198 8.33 4.04 -15.23
N ASN A 199 8.25 4.90 -14.22
CA ASN A 199 8.33 4.47 -12.82
C ASN A 199 7.27 3.45 -12.44
N TYR A 200 6.03 3.68 -12.83
CA TYR A 200 4.94 2.76 -12.50
C TYR A 200 4.94 1.54 -13.41
N GLN A 201 5.51 1.69 -14.61
CA GLN A 201 5.76 0.53 -15.45
C GLN A 201 6.75 -0.38 -14.74
N LEU A 202 7.78 0.23 -14.17
CA LEU A 202 8.81 -0.49 -13.42
C LEU A 202 8.24 -1.16 -12.18
N LEU A 203 7.38 -0.45 -11.45
CA LEU A 203 6.75 -0.98 -10.25
C LEU A 203 5.87 -2.17 -10.57
N ALA A 204 5.15 -2.09 -11.69
CA ALA A 204 4.26 -3.16 -12.12
C ALA A 204 5.03 -4.41 -12.49
N HIS A 205 6.18 -4.23 -13.13
CA HIS A 205 6.98 -5.36 -13.62
C HIS A 205 8.18 -5.66 -12.73
N LEU A 206 8.14 -5.19 -11.50
CA LEU A 206 9.28 -5.29 -10.58
C LEU A 206 9.70 -6.73 -10.27
N SER A 207 8.73 -7.63 -10.19
CA SER A 207 9.00 -9.04 -9.88
C SER A 207 9.93 -9.71 -10.88
N GLU A 208 9.92 -9.21 -12.11
CA GLU A 208 10.73 -9.77 -13.19
C GLU A 208 12.23 -9.72 -12.89
N LEU A 209 12.65 -8.72 -12.12
CA LEU A 209 14.06 -8.53 -11.80
C LEU A 209 14.62 -9.60 -10.84
N HIS A 210 13.75 -10.47 -10.35
CA HIS A 210 14.17 -11.52 -9.42
C HIS A 210 15.01 -12.60 -10.10
N HIS A 211 14.98 -12.65 -11.42
CA HIS A 211 15.68 -13.68 -12.18
C HIS A 211 17.19 -13.66 -11.97
N PHE A 212 17.74 -12.50 -11.63
CA PHE A 212 19.16 -12.39 -11.30
C PHE A 212 19.52 -13.13 -10.02
N GLU A 213 18.50 -13.57 -9.27
CA GLU A 213 18.66 -14.25 -8.00
C GLU A 213 19.46 -13.39 -7.02
N LEU A 214 19.24 -12.08 -7.09
CA LEU A 214 19.88 -11.12 -6.19
C LEU A 214 18.83 -10.32 -5.44
N PRO A 215 19.16 -9.86 -4.23
CA PRO A 215 18.23 -9.04 -3.45
C PRO A 215 17.89 -7.73 -4.16
N LEU A 216 16.62 -7.33 -4.09
CA LEU A 216 16.19 -6.08 -4.70
C LEU A 216 16.00 -4.98 -3.67
N LEU A 217 16.57 -3.82 -3.94
CA LEU A 217 16.40 -2.65 -3.08
C LEU A 217 15.68 -1.58 -3.89
N VAL A 218 14.63 -0.98 -3.33
CA VAL A 218 13.87 0.04 -4.04
C VAL A 218 13.73 1.34 -3.25
N GLY A 219 13.80 2.45 -3.95
CA GLY A 219 13.63 3.76 -3.34
C GLY A 219 12.57 4.59 -4.05
N MET A 220 11.39 4.68 -3.44
CA MET A 220 10.28 5.45 -4.02
C MET A 220 9.77 6.52 -3.07
N SER A 221 10.35 6.58 -1.88
CA SER A 221 9.84 7.43 -0.81
C SER A 221 9.79 8.91 -1.17
N ARG A 222 8.59 9.49 -1.11
CA ARG A 222 8.38 10.92 -1.32
C ARG A 222 8.89 11.42 -2.67
N LYS A 223 9.06 10.51 -3.63
CA LYS A 223 9.57 10.90 -4.94
C LYS A 223 8.46 11.45 -5.83
N SER A 224 8.87 12.05 -6.96
CA SER A 224 7.95 12.69 -7.88
C SER A 224 6.89 11.73 -8.42
N MET A 225 7.21 10.45 -8.49
CA MET A 225 6.26 9.45 -8.97
C MET A 225 5.02 9.40 -8.06
N VAL A 226 5.21 9.74 -6.78
CA VAL A 226 4.10 9.93 -5.87
C VAL A 226 3.55 11.35 -6.00
N GLY A 227 4.44 12.33 -5.99
CA GLY A 227 4.07 13.72 -6.00
C GLY A 227 3.28 14.14 -7.23
N GLN A 228 3.71 13.70 -8.41
CA GLN A 228 3.03 14.06 -9.65
C GLN A 228 1.61 13.51 -9.69
N LEU A 229 1.39 12.36 -9.06
CA LEU A 229 0.05 11.78 -9.01
C LEU A 229 -0.86 12.52 -8.02
N LEU A 230 -0.34 12.80 -6.83
CA LEU A 230 -1.16 13.36 -5.76
C LEU A 230 -1.08 14.89 -5.68
N ASN A 231 -0.10 15.47 -6.37
CA ASN A 231 0.10 16.92 -6.38
C ASN A 231 0.19 17.52 -4.98
N VAL A 232 1.03 16.92 -4.13
CA VAL A 232 1.23 17.38 -2.77
C VAL A 232 2.73 17.53 -2.48
N PRO A 233 3.09 18.35 -1.48
CA PRO A 233 4.51 18.49 -1.13
C PRO A 233 5.08 17.22 -0.52
N PRO A 234 6.42 17.08 -0.48
CA PRO A 234 7.09 15.86 -0.05
C PRO A 234 6.65 15.31 1.31
N GLN A 235 6.47 16.18 2.30
CA GLN A 235 6.08 15.75 3.64
C GLN A 235 4.66 15.15 3.66
N GLN A 236 3.87 15.47 2.65
CA GLN A 236 2.50 14.96 2.58
C GLN A 236 2.39 13.75 1.64
N ARG A 237 3.54 13.20 1.26
CA ARG A 237 3.58 12.05 0.35
C ARG A 237 3.78 10.73 1.08
N VAL A 238 3.53 10.73 2.39
CA VAL A 238 3.72 9.54 3.20
C VAL A 238 2.84 8.36 2.77
N ILE A 239 1.54 8.62 2.62
CA ILE A 239 0.59 7.57 2.25
C ILE A 239 0.91 6.99 0.87
N GLY A 240 1.22 7.86 -0.08
CA GLY A 240 1.56 7.43 -1.43
C GLY A 240 2.82 6.60 -1.45
N SER A 241 3.81 7.02 -0.67
CA SER A 241 5.08 6.30 -0.57
C SER A 241 4.88 4.92 0.02
N VAL A 242 4.06 4.84 1.07
CA VAL A 242 3.74 3.58 1.73
C VAL A 242 3.02 2.64 0.76
N ALA A 243 2.11 3.20 -0.03
CA ALA A 243 1.36 2.43 -1.02
C ALA A 243 2.32 1.79 -2.04
N CYS A 244 3.32 2.55 -2.44
CA CYS A 244 4.35 2.04 -3.35
C CYS A 244 5.18 0.95 -2.69
N ALA A 245 5.51 1.14 -1.42
CA ALA A 245 6.31 0.18 -0.66
C ALA A 245 5.59 -1.15 -0.54
N VAL A 246 4.28 -1.09 -0.31
CA VAL A 246 3.47 -2.30 -0.19
C VAL A 246 3.43 -3.08 -1.50
N ILE A 247 3.23 -2.36 -2.61
CA ILE A 247 3.17 -2.99 -3.92
C ILE A 247 4.50 -3.63 -4.27
N ALA A 248 5.59 -2.93 -3.99
CA ALA A 248 6.93 -3.45 -4.24
C ALA A 248 7.21 -4.68 -3.39
N ALA A 249 6.84 -4.61 -2.11
CA ALA A 249 7.08 -5.70 -1.17
C ALA A 249 6.23 -6.93 -1.52
N MET A 250 5.03 -6.69 -2.02
CA MET A 250 4.17 -7.78 -2.46
C MET A 250 4.77 -8.48 -3.68
N GLN A 251 5.65 -7.78 -4.39
CA GLN A 251 6.34 -8.36 -5.52
C GLN A 251 7.72 -8.89 -5.13
N GLY A 252 7.94 -9.01 -3.83
CA GLY A 252 9.14 -9.65 -3.32
C GLY A 252 10.37 -8.78 -3.11
N ALA A 253 10.21 -7.47 -3.23
CA ALA A 253 11.31 -6.55 -2.94
C ALA A 253 11.79 -6.73 -1.50
N GLN A 254 13.09 -6.99 -1.33
CA GLN A 254 13.62 -7.33 -0.02
C GLN A 254 13.90 -6.11 0.85
N ILE A 255 14.45 -5.06 0.27
CA ILE A 255 14.79 -3.86 1.03
C ILE A 255 14.08 -2.63 0.50
N ILE A 256 13.46 -1.87 1.41
CA ILE A 256 12.73 -0.66 1.04
C ILE A 256 13.37 0.58 1.67
N ARG A 257 13.79 1.51 0.83
CA ARG A 257 14.45 2.73 1.29
C ARG A 257 13.45 3.87 1.45
N VAL A 258 13.17 4.26 2.70
CA VAL A 258 12.11 5.21 3.00
C VAL A 258 12.51 6.30 3.97
N HIS A 259 11.81 7.43 3.89
CA HIS A 259 11.94 8.51 4.88
C HIS A 259 11.12 8.20 6.13
N ASP A 260 9.92 7.67 5.94
CA ASP A 260 8.98 7.45 7.03
C ASP A 260 8.98 5.98 7.45
N VAL A 261 9.85 5.63 8.39
CA VAL A 261 10.08 4.24 8.77
C VAL A 261 8.88 3.59 9.46
N LYS A 262 8.35 4.24 10.49
CA LYS A 262 7.29 3.66 11.30
C LYS A 262 6.07 3.26 10.47
N GLU A 263 5.65 4.15 9.58
CA GLU A 263 4.51 3.86 8.71
C GLU A 263 4.83 2.71 7.77
N THR A 264 6.02 2.73 7.18
CA THR A 264 6.44 1.68 6.26
C THR A 264 6.57 0.33 6.97
N VAL A 265 7.13 0.35 8.17
CA VAL A 265 7.29 -0.87 8.96
C VAL A 265 5.93 -1.48 9.30
N GLU A 266 4.98 -0.65 9.67
CA GLU A 266 3.63 -1.11 9.97
C GLU A 266 3.00 -1.75 8.74
N ALA A 267 3.21 -1.12 7.59
CA ALA A 267 2.70 -1.64 6.32
C ALA A 267 3.34 -2.97 5.97
N MET A 268 4.65 -3.06 6.19
CA MET A 268 5.40 -4.28 5.91
C MET A 268 4.92 -5.44 6.78
N CYS A 269 4.43 -5.11 7.97
CA CYS A 269 3.86 -6.12 8.87
CA CYS A 269 3.86 -6.12 8.87
C CYS A 269 2.60 -6.73 8.26
N ILE A 270 1.76 -5.87 7.69
CA ILE A 270 0.54 -6.31 7.01
C ILE A 270 0.92 -7.16 5.79
N VAL A 271 1.93 -6.71 5.06
CA VAL A 271 2.40 -7.40 3.87
C VAL A 271 2.95 -8.80 4.20
N GLU A 272 3.83 -8.87 5.18
CA GLU A 272 4.45 -10.14 5.57
C GLU A 272 3.40 -11.12 6.09
N ALA A 273 2.44 -10.61 6.85
CA ALA A 273 1.36 -11.43 7.37
C ALA A 273 0.49 -11.97 6.24
N THR A 274 0.26 -11.14 5.23
CA THR A 274 -0.54 -11.55 4.08
C THR A 274 0.16 -12.66 3.31
N ARG A 275 1.45 -12.48 3.04
CA ARG A 275 2.23 -13.46 2.30
C ARG A 275 2.40 -14.75 3.10
N SER A 276 2.62 -14.63 4.39
CA SER A 276 2.79 -15.79 5.27
C SER A 276 1.51 -16.61 5.42
N ALA A 277 0.36 -15.98 5.13
CA ALA A 277 -0.92 -16.67 5.20
C ALA A 277 -1.05 -17.74 4.12
N SER B 2 -13.02 -2.64 -16.66
CA SER B 2 -13.69 -3.55 -17.57
C SER B 2 -15.21 -3.38 -17.51
N MET B 3 -15.71 -2.98 -16.35
CA MET B 3 -17.15 -2.84 -16.18
C MET B 3 -17.52 -1.56 -15.43
N HIS B 4 -18.83 -1.35 -15.29
CA HIS B 4 -19.36 -0.23 -14.52
C HIS B 4 -20.67 -0.65 -13.88
N LEU B 5 -21.11 0.05 -12.83
CA LEU B 5 -22.43 -0.20 -12.26
C LEU B 5 -23.23 1.11 -12.28
N THR B 6 -24.54 1.02 -12.56
CA THR B 6 -25.35 2.22 -12.77
C THR B 6 -26.61 2.25 -11.90
N ALA B 7 -26.95 3.44 -11.40
CA ALA B 7 -28.17 3.65 -10.61
C ALA B 7 -28.66 5.09 -10.72
N ARG B 8 -29.97 5.24 -10.96
CA ARG B 8 -30.63 6.55 -11.09
C ARG B 8 -30.00 7.44 -12.14
N GLY B 9 -29.59 6.84 -13.26
CA GLY B 9 -28.98 7.59 -14.35
C GLY B 9 -27.54 7.95 -14.05
N LEU B 10 -27.08 7.58 -12.86
CA LEU B 10 -25.71 7.81 -12.45
C LEU B 10 -24.92 6.53 -12.63
N THR B 11 -23.65 6.66 -13.02
CA THR B 11 -22.82 5.49 -13.26
C THR B 11 -21.58 5.48 -12.36
N LEU B 12 -21.24 4.30 -11.87
CA LEU B 12 -20.05 4.12 -11.04
C LEU B 12 -19.01 3.31 -11.79
N ASP B 13 -17.89 3.96 -12.14
CA ASP B 13 -16.83 3.29 -12.88
C ASP B 13 -16.14 2.28 -11.98
N LEU B 14 -16.10 1.03 -12.43
CA LEU B 14 -15.51 -0.05 -11.65
C LEU B 14 -14.22 -0.55 -12.29
N SER B 15 -13.72 0.18 -13.28
CA SER B 15 -12.42 -0.11 -13.87
C SER B 15 -11.31 0.35 -12.93
N ARG B 16 -11.65 1.29 -12.05
CA ARG B 16 -10.72 1.82 -11.07
C ARG B 16 -11.24 1.54 -9.66
N PRO B 17 -10.35 1.46 -8.68
CA PRO B 17 -10.79 1.26 -7.29
C PRO B 17 -11.60 2.45 -6.77
N GLN B 18 -12.74 2.15 -6.17
CA GLN B 18 -13.63 3.18 -5.65
C GLN B 18 -13.62 3.18 -4.13
N VAL B 19 -13.53 4.37 -3.54
CA VAL B 19 -13.50 4.48 -2.08
C VAL B 19 -14.88 4.84 -1.53
N MET B 20 -15.37 4.00 -0.62
CA MET B 20 -16.66 4.22 0.02
C MET B 20 -16.46 4.78 1.42
N GLY B 21 -16.86 6.03 1.61
CA GLY B 21 -16.73 6.68 2.91
C GLY B 21 -17.78 6.19 3.89
N ILE B 22 -17.35 5.92 5.12
CA ILE B 22 -18.25 5.43 6.15
C ILE B 22 -18.88 6.57 6.94
N LEU B 23 -20.21 6.58 7.01
CA LEU B 23 -20.91 7.60 7.78
C LEU B 23 -21.85 6.93 8.78
N ASN B 24 -21.28 6.49 9.90
CA ASN B 24 -22.04 5.88 10.98
C ASN B 24 -22.77 6.93 11.81
N VAL B 25 -23.97 6.61 12.26
CA VAL B 25 -24.79 7.57 13.01
C VAL B 25 -25.14 7.05 14.40
N THR B 26 -24.29 7.38 15.37
CA THR B 26 -24.50 6.95 16.76
C THR B 26 -23.98 8.02 17.73
N ASN B 38 -26.57 14.22 15.50
CA ASN B 38 -26.71 15.55 14.91
C ASN B 38 -26.63 15.49 13.39
N LEU B 39 -27.67 15.96 12.72
CA LEU B 39 -27.74 15.96 11.27
C LEU B 39 -26.65 16.85 10.67
N ASP B 40 -26.35 17.94 11.38
CA ASP B 40 -25.38 18.92 10.90
C ASP B 40 -23.99 18.31 10.76
N GLN B 41 -23.59 17.50 11.73
CA GLN B 41 -22.30 16.83 11.69
C GLN B 41 -22.21 15.83 10.54
N ALA B 42 -23.32 15.12 10.31
CA ALA B 42 -23.37 14.11 9.26
C ALA B 42 -23.18 14.72 7.87
N LEU B 43 -23.87 15.83 7.61
CA LEU B 43 -23.80 16.50 6.31
C LEU B 43 -22.41 17.07 6.08
N GLN B 44 -21.81 17.63 7.12
CA GLN B 44 -20.47 18.20 7.05
C GLN B 44 -19.40 17.12 6.91
N HIS B 45 -19.55 16.02 7.61
CA HIS B 45 -18.62 14.90 7.50
C HIS B 45 -18.66 14.30 6.10
N ALA B 46 -19.86 14.16 5.56
CA ALA B 46 -20.05 13.65 4.21
C ALA B 46 -19.35 14.58 3.22
N GLN B 47 -19.45 15.88 3.47
CA GLN B 47 -18.77 16.88 2.65
C GLN B 47 -17.26 16.72 2.70
N ARG B 48 -16.74 16.44 3.89
CA ARG B 48 -15.31 16.22 4.07
C ARG B 48 -14.82 15.00 3.29
N MET B 49 -15.58 13.91 3.36
CA MET B 49 -15.24 12.68 2.66
C MET B 49 -15.36 12.83 1.15
N LEU B 50 -16.40 13.54 0.71
CA LEU B 50 -16.63 13.76 -0.72
C LEU B 50 -15.49 14.52 -1.38
N SER B 51 -15.04 15.59 -0.73
CA SER B 51 -13.91 16.36 -1.22
C SER B 51 -12.62 15.53 -1.18
N ALA B 52 -12.55 14.64 -0.21
CA ALA B 52 -11.39 13.76 -0.06
C ALA B 52 -11.29 12.76 -1.21
N GLY B 53 -12.37 12.58 -1.95
CA GLY B 53 -12.36 11.74 -3.14
C GLY B 53 -13.24 10.50 -3.07
N ALA B 54 -14.09 10.42 -2.06
CA ALA B 54 -15.06 9.33 -1.97
C ALA B 54 -16.07 9.43 -3.11
N THR B 55 -16.39 8.29 -3.72
CA THR B 55 -17.39 8.25 -4.78
C THR B 55 -18.65 7.55 -4.26
N LEU B 56 -18.60 7.12 -3.01
CA LEU B 56 -19.77 6.55 -2.35
C LEU B 56 -19.79 6.98 -0.89
N ILE B 57 -20.98 7.25 -0.37
CA ILE B 57 -21.14 7.55 1.05
C ILE B 57 -22.06 6.50 1.66
N ASP B 58 -21.56 5.80 2.68
CA ASP B 58 -22.32 4.72 3.29
C ASP B 58 -22.93 5.14 4.63
N ILE B 59 -24.25 5.06 4.72
CA ILE B 59 -24.95 5.46 5.93
C ILE B 59 -25.38 4.23 6.71
N GLY B 60 -24.88 4.11 7.93
CA GLY B 60 -25.13 2.94 8.75
C GLY B 60 -25.72 3.29 10.11
N GLY B 61 -26.80 2.60 10.47
CA GLY B 61 -27.44 2.85 11.76
C GLY B 61 -27.16 1.79 12.81
N GLU B 62 -26.40 0.77 12.43
CA GLU B 62 -26.03 -0.28 13.40
C GLU B 62 -24.54 -0.60 13.33
N SER B 63 -23.95 -0.88 14.48
CA SER B 63 -22.53 -1.20 14.57
C SER B 63 -22.28 -2.67 14.91
N THR B 64 -21.67 -3.41 14.00
CA THR B 64 -21.37 -4.82 14.25
C THR B 64 -20.05 -4.98 15.00
N GLU B 70 -29.03 -4.33 19.50
CA GLU B 70 -30.06 -4.16 18.48
C GLU B 70 -30.57 -2.71 18.44
N VAL B 71 -31.27 -2.38 17.36
CA VAL B 71 -31.83 -1.05 17.20
C VAL B 71 -33.31 -1.14 16.79
N SER B 72 -34.13 -0.22 17.30
CA SER B 72 -35.55 -0.23 16.97
C SER B 72 -35.75 0.20 15.52
N GLU B 73 -36.81 -0.30 14.89
CA GLU B 73 -37.10 0.01 13.50
C GLU B 73 -37.30 1.49 13.25
N GLN B 74 -38.12 2.12 14.10
CA GLN B 74 -38.39 3.55 13.99
C GLN B 74 -37.14 4.36 14.35
N GLU B 75 -36.42 3.89 15.36
CA GLU B 75 -35.19 4.56 15.80
C GLU B 75 -34.14 4.53 14.69
N GLU B 76 -33.95 3.36 14.08
CA GLU B 76 -33.00 3.21 13.00
C GLU B 76 -33.43 4.04 11.78
N LEU B 77 -34.72 4.03 11.49
CA LEU B 77 -35.27 4.82 10.40
C LEU B 77 -35.09 6.31 10.62
N ASP B 78 -35.30 6.76 11.87
CA ASP B 78 -35.20 8.16 12.23
C ASP B 78 -33.80 8.72 12.00
N ARG B 79 -32.79 7.92 12.31
CA ARG B 79 -31.39 8.31 12.10
C ARG B 79 -31.00 8.31 10.62
N VAL B 80 -31.42 7.28 9.90
CA VAL B 80 -30.94 7.03 8.55
C VAL B 80 -31.53 7.92 7.45
N VAL B 81 -32.86 7.90 7.31
CA VAL B 81 -33.50 8.52 6.14
C VAL B 81 -33.31 10.06 6.00
N PRO B 82 -33.22 10.84 7.10
CA PRO B 82 -33.00 12.25 6.82
C PRO B 82 -31.63 12.52 6.18
N VAL B 83 -30.62 11.80 6.65
CA VAL B 83 -29.26 11.93 6.13
C VAL B 83 -29.22 11.56 4.64
N VAL B 84 -29.88 10.46 4.31
CA VAL B 84 -29.95 10.00 2.93
C VAL B 84 -30.61 11.05 2.03
N GLU B 85 -31.75 11.57 2.46
CA GLU B 85 -32.49 12.57 1.70
C GLU B 85 -31.70 13.87 1.57
N ALA B 86 -31.10 14.31 2.66
CA ALA B 86 -30.33 15.54 2.68
C ALA B 86 -29.17 15.46 1.69
N LEU B 87 -28.45 14.35 1.73
CA LEU B 87 -27.32 14.12 0.83
C LEU B 87 -27.81 13.97 -0.61
N ALA B 88 -28.95 13.30 -0.78
CA ALA B 88 -29.51 13.08 -2.12
C ALA B 88 -29.79 14.43 -2.79
N GLN B 89 -30.29 15.36 -2.00
CA GLN B 89 -30.51 16.72 -2.49
C GLN B 89 -29.19 17.45 -2.69
N ARG B 90 -28.30 17.34 -1.71
CA ARG B 90 -27.06 18.11 -1.70
C ARG B 90 -26.03 17.71 -2.75
N PHE B 91 -25.79 16.41 -2.93
CA PHE B 91 -24.70 15.97 -3.81
C PHE B 91 -25.09 14.93 -4.86
N ASP B 92 -24.42 15.00 -6.00
CA ASP B 92 -24.52 13.98 -7.04
C ASP B 92 -23.46 12.92 -6.77
N VAL B 93 -23.70 12.10 -5.75
CA VAL B 93 -22.79 11.01 -5.42
C VAL B 93 -23.60 9.77 -5.02
N TRP B 94 -23.02 8.59 -5.23
CA TRP B 94 -23.65 7.35 -4.83
C TRP B 94 -23.92 7.31 -3.34
N LEU B 95 -25.17 7.01 -2.99
CA LEU B 95 -25.58 6.91 -1.59
C LEU B 95 -25.89 5.48 -1.20
N SER B 96 -25.22 4.99 -0.17
CA SER B 96 -25.40 3.62 0.27
C SER B 96 -25.91 3.58 1.71
N VAL B 97 -26.92 2.75 1.96
CA VAL B 97 -27.47 2.63 3.30
C VAL B 97 -27.13 1.27 3.89
N ASP B 98 -26.45 1.27 5.04
CA ASP B 98 -26.05 0.03 5.68
C ASP B 98 -27.17 -0.41 6.63
N THR B 99 -28.18 -1.08 6.08
CA THR B 99 -29.34 -1.49 6.85
C THR B 99 -29.77 -2.91 6.55
N SER B 100 -30.48 -3.52 7.49
CA SER B 100 -31.02 -4.86 7.31
C SER B 100 -32.53 -4.90 7.45
N LYS B 101 -33.17 -3.73 7.36
CA LYS B 101 -34.61 -3.65 7.60
C LYS B 101 -35.37 -3.22 6.36
N ALA B 102 -36.40 -3.99 6.01
CA ALA B 102 -37.22 -3.74 4.82
C ALA B 102 -37.81 -2.35 4.82
N ALA B 103 -38.24 -1.89 5.99
CA ALA B 103 -38.78 -0.54 6.13
C ALA B 103 -37.71 0.49 5.80
N VAL B 104 -36.51 0.28 6.35
CA VAL B 104 -35.38 1.15 6.08
C VAL B 104 -34.92 1.06 4.63
N ILE B 105 -34.99 -0.14 4.06
CA ILE B 105 -34.67 -0.34 2.64
C ILE B 105 -35.56 0.51 1.75
N THR B 106 -36.87 0.42 1.98
CA THR B 106 -37.85 1.12 1.16
C THR B 106 -37.82 2.62 1.38
N GLU B 107 -37.76 3.03 2.65
CA GLU B 107 -37.75 4.45 3.00
C GLU B 107 -36.52 5.16 2.44
N SER B 108 -35.37 4.49 2.50
CA SER B 108 -34.13 5.04 1.97
C SER B 108 -34.22 5.18 0.45
N ALA B 109 -34.89 4.23 -0.19
CA ALA B 109 -35.11 4.29 -1.62
C ALA B 109 -35.92 5.52 -1.99
N HIS B 110 -36.91 5.82 -1.16
CA HIS B 110 -37.72 7.03 -1.32
C HIS B 110 -36.85 8.28 -1.13
N ALA B 111 -35.91 8.19 -0.19
CA ALA B 111 -35.04 9.32 0.13
C ALA B 111 -34.01 9.60 -0.95
N GLY B 112 -33.77 8.64 -1.85
CA GLY B 112 -32.84 8.84 -2.93
C GLY B 112 -31.56 8.04 -2.86
N ALA B 113 -31.54 7.03 -2.00
CA ALA B 113 -30.37 6.15 -1.87
C ALA B 113 -30.07 5.44 -3.19
N HIS B 114 -28.78 5.24 -3.47
CA HIS B 114 -28.37 4.57 -4.71
C HIS B 114 -28.09 3.08 -4.52
N LEU B 115 -27.59 2.70 -3.35
CA LEU B 115 -27.13 1.33 -3.13
C LEU B 115 -27.59 0.77 -1.79
N ILE B 116 -27.97 -0.50 -1.78
CA ILE B 116 -28.37 -1.16 -0.55
C ILE B 116 -27.26 -2.08 -0.05
N ASN B 117 -26.70 -1.75 1.11
CA ASN B 117 -25.62 -2.54 1.68
C ASN B 117 -26.05 -3.27 2.94
N ASP B 118 -26.26 -4.58 2.83
CA ASP B 118 -26.73 -5.35 3.97
C ASP B 118 -25.76 -6.45 4.38
N ILE B 119 -25.27 -6.37 5.61
CA ILE B 119 -24.38 -7.37 6.16
C ILE B 119 -25.10 -8.69 6.40
N ARG B 120 -26.41 -8.63 6.58
CA ARG B 120 -27.23 -9.81 6.83
C ARG B 120 -27.81 -10.40 5.54
N SER B 121 -27.45 -9.80 4.41
CA SER B 121 -27.81 -10.30 3.09
C SER B 121 -29.31 -10.48 2.87
N LEU B 122 -30.10 -9.51 3.34
CA LEU B 122 -31.55 -9.48 3.11
C LEU B 122 -32.26 -10.72 3.63
N GLN B 123 -31.80 -11.25 4.76
CA GLN B 123 -32.38 -12.46 5.33
C GLN B 123 -33.44 -12.12 6.38
N GLU B 124 -33.54 -10.85 6.72
CA GLU B 124 -34.58 -10.37 7.62
C GLU B 124 -35.94 -10.46 6.92
N PRO B 125 -37.03 -10.57 7.70
CA PRO B 125 -38.36 -10.74 7.12
C PRO B 125 -38.79 -9.57 6.22
N GLY B 126 -39.15 -9.88 4.98
CA GLY B 126 -39.61 -8.87 4.04
C GLY B 126 -38.52 -8.04 3.41
N ALA B 127 -37.28 -8.25 3.85
CA ALA B 127 -36.14 -7.47 3.37
C ALA B 127 -35.87 -7.70 1.88
N LEU B 128 -35.91 -8.96 1.47
CA LEU B 128 -35.63 -9.33 0.09
C LEU B 128 -36.63 -8.72 -0.89
N GLU B 129 -37.91 -8.76 -0.54
CA GLU B 129 -38.97 -8.22 -1.39
C GLU B 129 -38.85 -6.70 -1.54
N ALA B 130 -38.59 -6.02 -0.42
CA ALA B 130 -38.44 -4.57 -0.43
C ALA B 130 -37.26 -4.14 -1.30
N ALA B 131 -36.14 -4.85 -1.16
CA ALA B 131 -34.94 -4.56 -1.93
C ALA B 131 -35.20 -4.75 -3.43
N ALA B 132 -35.92 -5.81 -3.77
CA ALA B 132 -36.24 -6.12 -5.16
C ALA B 132 -37.08 -5.02 -5.80
N LYS B 133 -38.05 -4.51 -5.04
CA LYS B 133 -38.96 -3.48 -5.53
C LYS B 133 -38.24 -2.18 -5.86
N THR B 134 -37.22 -1.86 -5.08
CA THR B 134 -36.44 -0.64 -5.28
C THR B 134 -35.67 -0.66 -6.60
N GLY B 135 -35.24 -1.84 -7.00
CA GLY B 135 -34.48 -1.99 -8.23
C GLY B 135 -33.05 -1.52 -8.07
N LEU B 136 -32.71 -1.08 -6.86
CA LEU B 136 -31.38 -0.58 -6.56
C LEU B 136 -30.37 -1.73 -6.43
N PRO B 137 -29.10 -1.45 -6.76
CA PRO B 137 -28.07 -2.48 -6.55
C PRO B 137 -27.94 -2.86 -5.08
N VAL B 138 -27.64 -4.13 -4.82
CA VAL B 138 -27.52 -4.61 -3.45
C VAL B 138 -26.20 -5.34 -3.25
N CYS B 139 -25.60 -5.15 -2.08
CA CYS B 139 -24.35 -5.81 -1.77
C CYS B 139 -24.55 -6.93 -0.75
N LEU B 140 -24.09 -8.12 -1.09
CA LEU B 140 -24.23 -9.27 -0.20
C LEU B 140 -22.90 -9.52 0.52
N MET B 141 -22.96 -9.74 1.83
CA MET B 141 -21.75 -9.91 2.61
C MET B 141 -21.70 -11.25 3.33
N HIS B 142 -20.58 -11.95 3.20
CA HIS B 142 -20.38 -13.23 3.89
C HIS B 142 -20.26 -13.03 5.39
N MET B 143 -20.78 -14.00 6.14
CA MET B 143 -20.75 -13.94 7.60
C MET B 143 -20.77 -15.37 8.14
N GLN B 144 -20.24 -15.56 9.34
CA GLN B 144 -20.29 -16.85 10.03
C GLN B 144 -21.70 -17.45 10.04
N PRO B 154 -14.77 -19.50 16.36
CA PRO B 154 -14.74 -19.40 14.89
C PRO B 154 -13.91 -20.50 14.26
N TYR B 155 -14.51 -21.25 13.35
CA TYR B 155 -13.80 -22.31 12.63
C TYR B 155 -14.20 -22.40 11.17
N TYR B 156 -13.25 -22.76 10.31
CA TYR B 156 -13.55 -23.05 8.92
C TYR B 156 -12.75 -24.27 8.47
N ASP B 157 -13.42 -25.19 7.80
CA ASP B 157 -12.74 -26.32 7.16
C ASP B 157 -11.87 -25.77 6.05
N ASP B 158 -12.48 -24.97 5.17
CA ASP B 158 -11.77 -24.22 4.16
C ASP B 158 -12.46 -22.87 3.98
N LEU B 159 -11.76 -21.80 4.35
CA LEU B 159 -12.35 -20.46 4.39
C LEU B 159 -12.91 -20.01 3.04
N MET B 160 -12.10 -20.15 1.99
CA MET B 160 -12.47 -19.66 0.68
C MET B 160 -13.66 -20.41 0.07
N THR B 161 -13.68 -21.72 0.24
CA THR B 161 -14.77 -22.54 -0.28
C THR B 161 -16.12 -22.19 0.35
N ASP B 162 -16.11 -21.96 1.66
CA ASP B 162 -17.32 -21.62 2.39
C ASP B 162 -17.92 -20.31 1.87
N ILE B 163 -17.04 -19.34 1.62
CA ILE B 163 -17.46 -18.03 1.12
C ILE B 163 -18.04 -18.14 -0.29
N ASN B 164 -17.38 -18.94 -1.13
CA ASN B 164 -17.83 -19.16 -2.50
C ASN B 164 -19.19 -19.82 -2.53
N ARG B 165 -19.38 -20.82 -1.67
CA ARG B 165 -20.65 -21.51 -1.55
C ARG B 165 -21.75 -20.59 -1.02
N PHE B 166 -21.37 -19.73 -0.08
CA PHE B 166 -22.30 -18.76 0.51
C PHE B 166 -22.83 -17.79 -0.54
N PHE B 167 -21.91 -17.22 -1.32
CA PHE B 167 -22.29 -16.22 -2.32
C PHE B 167 -23.14 -16.85 -3.41
N GLN B 168 -22.76 -18.06 -3.82
CA GLN B 168 -23.50 -18.78 -4.85
C GLN B 168 -24.95 -18.97 -4.45
N HIS B 169 -25.18 -19.34 -3.19
CA HIS B 169 -26.53 -19.58 -2.68
C HIS B 169 -27.40 -18.33 -2.76
N HIS B 170 -26.92 -17.23 -2.21
CA HIS B 170 -27.71 -16.00 -2.16
C HIS B 170 -27.77 -15.30 -3.51
N ILE B 171 -26.76 -15.53 -4.35
CA ILE B 171 -26.80 -15.04 -5.73
C ILE B 171 -27.95 -15.73 -6.46
N GLU B 172 -28.12 -17.01 -6.19
CA GLU B 172 -29.22 -17.80 -6.75
C GLU B 172 -30.54 -17.24 -6.22
N ARG B 173 -30.56 -16.97 -4.92
CA ARG B 173 -31.72 -16.41 -4.24
C ARG B 173 -32.09 -15.01 -4.73
N CYS B 174 -31.09 -14.16 -4.93
CA CYS B 174 -31.30 -12.77 -5.34
C CYS B 174 -31.88 -12.69 -6.75
N VAL B 175 -31.33 -13.47 -7.67
CA VAL B 175 -31.82 -13.51 -9.04
C VAL B 175 -33.25 -14.02 -9.07
N ALA B 176 -33.53 -15.02 -8.23
CA ALA B 176 -34.87 -15.58 -8.09
C ALA B 176 -35.88 -14.53 -7.62
N ALA B 177 -35.44 -13.65 -6.73
CA ALA B 177 -36.30 -12.60 -6.18
C ALA B 177 -36.66 -11.54 -7.22
N GLY B 178 -35.96 -11.56 -8.35
CA GLY B 178 -36.19 -10.59 -9.41
C GLY B 178 -35.15 -9.50 -9.45
N ILE B 179 -34.13 -9.64 -8.61
CA ILE B 179 -32.99 -8.73 -8.62
C ILE B 179 -31.93 -9.27 -9.58
N ALA B 180 -31.65 -8.52 -10.64
CA ALA B 180 -30.73 -8.96 -11.68
C ALA B 180 -29.34 -9.23 -11.11
N LYS B 181 -28.67 -10.24 -11.66
CA LYS B 181 -27.35 -10.65 -11.20
C LYS B 181 -26.33 -9.53 -11.27
N ASN B 182 -26.41 -8.73 -12.34
CA ASN B 182 -25.47 -7.63 -12.54
C ASN B 182 -25.70 -6.46 -11.59
N LYS B 183 -26.76 -6.55 -10.79
CA LYS B 183 -27.06 -5.53 -9.79
C LYS B 183 -26.51 -5.89 -8.42
N LEU B 184 -25.85 -7.05 -8.33
CA LEU B 184 -25.39 -7.57 -7.05
C LEU B 184 -23.91 -7.28 -6.81
N LEU B 185 -23.55 -7.05 -5.55
CA LEU B 185 -22.15 -6.88 -5.16
C LEU B 185 -21.79 -7.86 -4.05
N LEU B 186 -20.56 -8.34 -4.06
CA LEU B 186 -20.12 -9.33 -3.08
C LEU B 186 -19.04 -8.82 -2.12
N ASP B 187 -19.26 -9.05 -0.83
CA ASP B 187 -18.30 -8.69 0.21
C ASP B 187 -17.95 -9.92 1.04
N PRO B 188 -16.65 -10.27 1.07
CA PRO B 188 -16.22 -11.45 1.83
C PRO B 188 -16.30 -11.25 3.35
N GLY B 189 -16.60 -10.02 3.77
CA GLY B 189 -16.88 -9.73 5.17
C GLY B 189 -15.72 -9.94 6.13
N PHE B 190 -14.68 -9.13 5.99
CA PHE B 190 -13.53 -9.18 6.89
C PHE B 190 -13.93 -8.90 8.34
N GLY B 191 -13.41 -9.70 9.26
CA GLY B 191 -13.66 -9.50 10.68
C GLY B 191 -15.00 -10.02 11.16
N PHE B 192 -15.76 -10.65 10.27
CA PHE B 192 -17.06 -11.21 10.62
C PHE B 192 -17.00 -12.73 10.76
N GLY B 193 -17.00 -13.20 12.01
CA GLY B 193 -16.86 -14.61 12.29
C GLY B 193 -15.57 -15.17 11.73
N LYS B 194 -14.51 -14.37 11.79
CA LYS B 194 -13.21 -14.76 11.25
C LYS B 194 -12.09 -14.38 12.20
N ASN B 195 -11.17 -15.32 12.43
CA ASN B 195 -10.01 -15.06 13.28
C ASN B 195 -8.93 -14.31 12.51
N LEU B 196 -7.82 -14.03 13.18
CA LEU B 196 -6.72 -13.28 12.57
C LEU B 196 -6.13 -13.96 11.35
N ALA B 197 -5.88 -15.26 11.45
CA ALA B 197 -5.31 -16.02 10.34
C ALA B 197 -6.27 -16.10 9.16
N HIS B 198 -7.56 -16.26 9.45
CA HIS B 198 -8.58 -16.35 8.41
C HIS B 198 -8.66 -15.09 7.58
N ASN B 199 -8.66 -13.94 8.24
CA ASN B 199 -8.76 -12.65 7.57
C ASN B 199 -7.65 -12.43 6.54
N TYR B 200 -6.42 -12.71 6.93
CA TYR B 200 -5.27 -12.53 6.05
C TYR B 200 -5.15 -13.65 5.02
N GLN B 201 -5.69 -14.82 5.37
CA GLN B 201 -5.84 -15.90 4.40
C GLN B 201 -6.79 -15.44 3.30
N LEU B 202 -7.87 -14.80 3.73
CA LEU B 202 -8.86 -14.25 2.81
C LEU B 202 -8.27 -13.14 1.96
N LEU B 203 -7.48 -12.29 2.58
CA LEU B 203 -6.83 -11.17 1.88
C LEU B 203 -5.86 -11.69 0.83
N ALA B 204 -5.13 -12.74 1.16
CA ALA B 204 -4.16 -13.34 0.25
C ALA B 204 -4.82 -13.97 -0.97
N HIS B 205 -5.98 -14.60 -0.76
CA HIS B 205 -6.68 -15.32 -1.82
C HIS B 205 -7.87 -14.54 -2.37
N LEU B 206 -7.89 -13.24 -2.14
CA LEU B 206 -9.04 -12.40 -2.49
C LEU B 206 -9.35 -12.41 -4.00
N SER B 207 -8.31 -12.50 -4.82
CA SER B 207 -8.47 -12.48 -6.28
C SER B 207 -9.35 -13.62 -6.79
N GLU B 208 -9.39 -14.72 -6.06
CA GLU B 208 -10.17 -15.89 -6.45
C GLU B 208 -11.66 -15.61 -6.58
N LEU B 209 -12.15 -14.66 -5.78
CA LEU B 209 -13.58 -14.33 -5.74
C LEU B 209 -14.10 -13.64 -6.99
N HIS B 210 -13.20 -13.32 -7.92
CA HIS B 210 -13.58 -12.62 -9.14
C HIS B 210 -14.37 -13.49 -10.12
N HIS B 211 -14.35 -14.81 -9.91
CA HIS B 211 -15.00 -15.74 -10.83
C HIS B 211 -16.50 -15.50 -10.95
N PHE B 212 -17.11 -14.94 -9.91
CA PHE B 212 -18.52 -14.58 -9.96
C PHE B 212 -18.76 -13.47 -10.97
N GLU B 213 -17.68 -12.83 -11.41
CA GLU B 213 -17.73 -11.70 -12.34
C GLU B 213 -18.64 -10.60 -11.79
N LEU B 214 -18.59 -10.43 -10.48
CA LEU B 214 -19.33 -9.39 -9.79
C LEU B 214 -18.36 -8.50 -9.03
N PRO B 215 -18.73 -7.23 -8.84
CA PRO B 215 -17.88 -6.28 -8.12
C PRO B 215 -17.61 -6.73 -6.69
N LEU B 216 -16.37 -6.57 -6.22
CA LEU B 216 -16.03 -6.92 -4.86
C LEU B 216 -15.90 -5.68 -3.98
N LEU B 217 -16.55 -5.73 -2.82
CA LEU B 217 -16.48 -4.66 -1.85
C LEU B 217 -15.82 -5.22 -0.60
N VAL B 218 -14.85 -4.51 -0.05
CA VAL B 218 -14.17 -4.99 1.14
C VAL B 218 -14.14 -3.96 2.26
N GLY B 219 -14.29 -4.43 3.49
CA GLY B 219 -14.22 -3.57 4.66
C GLY B 219 -13.23 -4.08 5.68
N MET B 220 -12.06 -3.45 5.73
CA MET B 220 -11.01 -3.86 6.64
C MET B 220 -10.58 -2.72 7.54
N SER B 221 -11.19 -1.55 7.33
CA SER B 221 -10.76 -0.32 7.97
C SER B 221 -10.81 -0.38 9.50
N ARG B 222 -9.65 -0.17 10.11
CA ARG B 222 -9.50 -0.09 11.57
C ARG B 222 -10.00 -1.33 12.32
N LYS B 223 -10.10 -2.45 11.63
CA LYS B 223 -10.60 -3.67 12.27
C LYS B 223 -9.47 -4.39 13.02
N SER B 224 -9.87 -5.36 13.84
CA SER B 224 -8.92 -6.07 14.71
C SER B 224 -7.78 -6.75 13.96
N MET B 225 -8.03 -7.13 12.70
CA MET B 225 -7.00 -7.77 11.89
C MET B 225 -5.80 -6.85 11.70
N VAL B 226 -6.03 -5.54 11.73
CA VAL B 226 -4.96 -4.56 11.72
C VAL B 226 -4.40 -4.35 13.12
N GLY B 227 -5.30 -4.18 14.08
CA GLY B 227 -4.93 -3.88 15.45
C GLY B 227 -4.09 -4.95 16.13
N GLN B 228 -4.50 -6.21 15.97
CA GLN B 228 -3.81 -7.33 16.59
C GLN B 228 -2.36 -7.47 16.10
N LEU B 229 -2.12 -7.14 14.83
CA LEU B 229 -0.78 -7.19 14.26
C LEU B 229 0.13 -6.06 14.72
N LEU B 230 -0.41 -4.85 14.72
CA LEU B 230 0.40 -3.65 14.97
C LEU B 230 0.36 -3.27 16.45
N ASN B 231 -0.53 -3.90 17.21
CA ASN B 231 -0.71 -3.60 18.62
C ASN B 231 -0.95 -2.11 18.84
N VAL B 232 -1.89 -1.56 18.08
CA VAL B 232 -2.24 -0.16 18.20
C VAL B 232 -3.76 0.00 18.31
N PRO B 233 -4.20 1.10 18.93
CA PRO B 233 -5.63 1.41 19.04
C PRO B 233 -6.20 1.83 17.68
N PRO B 234 -7.54 1.83 17.53
CA PRO B 234 -8.20 2.10 16.24
C PRO B 234 -7.72 3.36 15.53
N GLN B 235 -7.51 4.44 16.28
CA GLN B 235 -7.08 5.70 15.68
C GLN B 235 -5.69 5.61 15.07
N GLN B 236 -4.90 4.63 15.50
CA GLN B 236 -3.55 4.45 14.99
C GLN B 236 -3.47 3.33 13.95
N ARG B 237 -4.63 2.88 13.47
CA ARG B 237 -4.68 1.79 12.51
C ARG B 237 -4.88 2.28 11.08
N VAL B 238 -4.64 3.57 10.85
CA VAL B 238 -4.82 4.16 9.52
C VAL B 238 -3.87 3.54 8.49
N ILE B 239 -2.59 3.47 8.83
CA ILE B 239 -1.58 2.95 7.92
C ILE B 239 -1.81 1.48 7.60
N GLY B 240 -2.15 0.70 8.61
CA GLY B 240 -2.42 -0.71 8.44
C GLY B 240 -3.64 -0.95 7.57
N SER B 241 -4.67 -0.13 7.77
CA SER B 241 -5.90 -0.23 7.00
C SER B 241 -5.66 0.07 5.52
N VAL B 242 -4.87 1.11 5.27
CA VAL B 242 -4.51 1.50 3.90
C VAL B 242 -3.69 0.42 3.21
N ALA B 243 -2.75 -0.17 3.96
CA ALA B 243 -1.91 -1.24 3.44
C ALA B 243 -2.77 -2.44 3.00
N CYS B 244 -3.79 -2.74 3.80
CA CYS B 244 -4.74 -3.80 3.47
C CYS B 244 -5.54 -3.42 2.23
N ALA B 245 -5.93 -2.16 2.15
CA ALA B 245 -6.71 -1.66 1.02
C ALA B 245 -5.91 -1.77 -0.28
N VAL B 246 -4.62 -1.45 -0.20
CA VAL B 246 -3.74 -1.53 -1.36
C VAL B 246 -3.58 -2.96 -1.84
N ILE B 247 -3.39 -3.88 -0.90
CA ILE B 247 -3.24 -5.30 -1.23
C ILE B 247 -4.51 -5.82 -1.90
N ALA B 248 -5.66 -5.45 -1.34
CA ALA B 248 -6.94 -5.85 -1.91
C ALA B 248 -7.14 -5.26 -3.31
N ALA B 249 -6.81 -3.99 -3.46
CA ALA B 249 -6.99 -3.29 -4.73
C ALA B 249 -6.06 -3.83 -5.82
N MET B 250 -4.86 -4.24 -5.42
CA MET B 250 -3.91 -4.83 -6.35
C MET B 250 -4.44 -6.17 -6.85
N GLN B 251 -5.35 -6.77 -6.09
CA GLN B 251 -5.98 -8.02 -6.46
C GLN B 251 -7.31 -7.77 -7.16
N GLY B 252 -7.56 -6.52 -7.55
CA GLY B 252 -8.71 -6.18 -8.35
C GLY B 252 -9.98 -5.84 -7.59
N ALA B 253 -9.88 -5.70 -6.26
CA ALA B 253 -11.02 -5.26 -5.46
C ALA B 253 -11.51 -3.90 -5.95
N GLN B 254 -12.79 -3.83 -6.30
CA GLN B 254 -13.34 -2.63 -6.93
C GLN B 254 -13.72 -1.53 -5.94
N ILE B 255 -14.36 -1.91 -4.83
CA ILE B 255 -14.80 -0.93 -3.85
C ILE B 255 -14.20 -1.17 -2.47
N ILE B 256 -13.67 -0.11 -1.86
CA ILE B 256 -13.05 -0.21 -0.56
C ILE B 256 -13.81 0.63 0.47
N ARG B 257 -14.31 -0.02 1.52
CA ARG B 257 -15.08 0.67 2.54
C ARG B 257 -14.18 1.07 3.70
N VAL B 258 -13.96 2.37 3.85
CA VAL B 258 -12.97 2.88 4.81
C VAL B 258 -13.46 4.03 5.67
N HIS B 259 -12.83 4.19 6.83
CA HIS B 259 -13.07 5.35 7.68
C HIS B 259 -12.28 6.56 7.16
N ASP B 260 -11.04 6.29 6.74
CA ASP B 260 -10.13 7.35 6.32
C ASP B 260 -10.09 7.45 4.80
N VAL B 261 -10.96 8.29 4.26
CA VAL B 261 -11.15 8.38 2.81
C VAL B 261 -9.93 8.96 2.09
N LYS B 262 -9.44 10.10 2.56
CA LYS B 262 -8.35 10.80 1.87
C LYS B 262 -7.11 9.92 1.69
N GLU B 263 -6.71 9.24 2.75
CA GLU B 263 -5.55 8.36 2.70
C GLU B 263 -5.80 7.19 1.75
N THR B 264 -6.98 6.61 1.82
CA THR B 264 -7.33 5.48 0.96
C THR B 264 -7.38 5.91 -0.50
N VAL B 265 -7.94 7.10 -0.75
CA VAL B 265 -8.02 7.64 -2.11
C VAL B 265 -6.64 7.86 -2.70
N GLU B 266 -5.73 8.41 -1.89
CA GLU B 266 -4.35 8.65 -2.33
C GLU B 266 -3.66 7.34 -2.67
N ALA B 267 -3.89 6.31 -1.86
CA ALA B 267 -3.30 5.00 -2.09
C ALA B 267 -3.84 4.37 -3.36
N MET B 268 -5.15 4.50 -3.58
CA MET B 268 -5.80 3.95 -4.75
C MET B 268 -5.26 4.57 -6.04
N CYS B 269 -4.82 5.82 -5.95
CA CYS B 269 -4.22 6.50 -7.09
CA CYS B 269 -4.23 6.50 -7.10
C CYS B 269 -2.92 5.82 -7.50
N ILE B 270 -2.12 5.45 -6.51
CA ILE B 270 -0.87 4.73 -6.73
C ILE B 270 -1.17 3.36 -7.34
N VAL B 271 -2.20 2.71 -6.80
CA VAL B 271 -2.64 1.40 -7.27
C VAL B 271 -3.09 1.46 -8.73
N GLU B 272 -3.95 2.42 -9.05
CA GLU B 272 -4.49 2.56 -10.40
C GLU B 272 -3.40 2.87 -11.42
N ALA B 273 -2.45 3.70 -11.04
CA ALA B 273 -1.32 4.03 -11.92
C ALA B 273 -0.48 2.79 -12.18
N THR B 274 -0.30 1.98 -11.14
CA THR B 274 0.46 0.74 -11.25
C THR B 274 -0.23 -0.25 -12.17
N ARG B 275 -1.52 -0.47 -11.95
CA ARG B 275 -2.31 -1.42 -12.74
C ARG B 275 -2.46 -0.98 -14.19
N SER B 276 -2.67 0.32 -14.40
CA SER B 276 -2.83 0.85 -15.75
C SER B 276 -1.52 0.75 -16.51
N ALA B 277 -0.40 0.81 -15.78
CA ALA B 277 0.93 0.66 -16.37
C ALA B 277 1.16 -0.77 -16.87
N LYS B 278 0.24 -1.67 -16.53
CA LYS B 278 0.31 -3.08 -16.91
C LYS B 278 1.59 -3.74 -16.40
C01 6MB C . 17.94 6.36 -4.09
C02 6MB C . 19.22 6.22 -3.49
N01 6MB C . 19.85 7.37 -3.00
C03 6MB C . 19.20 8.50 -3.12
C04 6MB C . 17.90 8.63 -3.73
N02 6MB C . 17.29 7.57 -4.21
C05 6MB C . 17.27 10.00 -3.82
C06 6MB C . 17.39 5.13 -4.57
N03 6MB C . 19.91 5.04 -3.34
N04 6MB C . 18.00 3.94 -4.45
C07 6MB C . 19.25 3.94 -3.84
O01 6MB C . 16.19 5.15 -5.15
N05 6MB C . 19.86 2.72 -3.75
N06 6MB C . 17.24 10.61 -5.14
C08 6MB C . 16.09 11.10 -5.80
C09 6MB C . 15.14 11.89 -5.15
C10 6MB C . 14.03 12.38 -5.82
C11 6MB C . 13.79 12.10 -7.15
C12 6MB C . 14.74 11.33 -7.81
C13 6MB C . 15.86 10.84 -7.15
S01 6MB C . 12.40 12.71 -8.05
N07 6MB C . 12.25 14.27 -8.76
C14 6MB C . 13.09 15.37 -8.60
O02 6MB C . 11.72 11.54 -8.90
O03 6MB C . 11.24 12.73 -6.91
C15 6MB C . 13.92 16.11 -9.45
C16 6MB C . 14.51 17.10 -8.57
N08 6MB C . 14.05 16.91 -7.32
O04 6MB C . 13.21 15.88 -7.32
C17 6MB C . 14.12 15.94 -10.89
C18 6MB C . 15.48 18.16 -8.91
C1 EDO D . 10.41 7.17 11.56
O1 EDO D . 9.03 6.86 11.76
C2 EDO D . 10.53 8.16 10.41
O2 EDO D . 11.90 8.29 10.02
C01 6MB E . -18.67 -3.79 7.07
C02 6MB E . -19.90 -3.11 6.78
N01 6MB E . -20.48 -2.34 7.79
C03 6MB E . -19.85 -2.30 8.94
C04 6MB E . -18.61 -3.00 9.23
N02 6MB E . -18.04 -3.73 8.30
C05 6MB E . -17.99 -2.87 10.62
C06 6MB E . -18.16 -4.55 5.97
N03 6MB E . -20.56 -3.15 5.57
N04 6MB E . -18.74 -4.63 4.76
C07 6MB E . -19.94 -3.92 4.61
O01 6MB E . -17.02 -5.23 6.13
N05 6MB E . -20.54 -4.01 3.37
N06 6MB E . -18.02 -4.06 11.45
C08 6MB E . -16.93 -4.55 12.22
C09 6MB E . -16.13 -3.71 13.02
C10 6MB E . -15.07 -4.24 13.76
C11 6MB E . -14.75 -5.58 13.76
C12 6MB E . -15.55 -6.41 12.98
C13 6MB E . -16.61 -5.92 12.23
S01 6MB E . -13.43 -6.28 14.70
N07 6MB E . -13.37 -6.60 16.41
C14 6MB E . -14.08 -6.02 17.46
O02 6MB E . -12.68 -7.41 13.85
O03 6MB E . -12.24 -5.19 14.50
C15 6MB E . -14.48 -6.47 18.72
C16 6MB E . -15.18 -5.34 19.27
N08 6MB E . -15.17 -4.33 18.38
O04 6MB E . -14.52 -4.73 17.29
C17 6MB E . -14.24 -7.78 19.33
C18 6MB E . -15.84 -5.23 20.60
#